data_2Z0V
#
_entry.id   2Z0V
#
_cell.length_a   56.818
_cell.length_b   194.167
_cell.length_c   43.713
_cell.angle_alpha   90.00
_cell.angle_beta   90.00
_cell.angle_gamma   90.00
#
_symmetry.space_group_name_H-M   'P 21 21 2'
#
loop_
_entity.id
_entity.type
_entity.pdbx_description
1 polymer 'SH3-containing GRB2-like protein 3'
2 water water
#
_entity_poly.entity_id   1
_entity_poly.type   'polypeptide(L)'
_entity_poly.pdbx_seq_one_letter_code
;GSSGSSGAEGTKLDDEFLD(MSE)ERKIDVTNKVVAEILSKTTEYLQPNPAYRAKLG(MSE)LNTVSKIRGQVKTTGYPQ
TEGLLGDC(MSE)LKYGKELGEDSTFGNALIEVGES(MSE)KL(MSE)AEVKDSLDINVKQTFIDPLQLLQDKDLKEIGH
HLKKLEGRRLDYDYKKKRVGKIPDEEVRQAVEKFEESKELAERS(MSE)FNFLENDVEQVSQLAVFIEAALDYHRQSTEI
LQELQSKLQ(MSE)RISAASSVPRREYK
;
_entity_poly.pdbx_strand_id   A,B
#
# COMPACT_ATOMS: atom_id res chain seq x y z
N ASP A 14 18.15 39.02 -19.01
CA ASP A 14 16.78 39.01 -18.43
C ASP A 14 16.53 37.71 -17.66
N ASP A 15 17.60 37.10 -17.17
CA ASP A 15 17.50 35.85 -16.43
C ASP A 15 16.52 35.92 -15.26
N GLU A 16 16.42 37.07 -14.62
CA GLU A 16 15.50 37.23 -13.51
C GLU A 16 14.17 36.64 -13.98
N PHE A 17 13.97 36.72 -15.30
CA PHE A 17 12.77 36.20 -15.93
C PHE A 17 12.96 34.72 -16.20
N LEU A 18 14.03 34.38 -16.94
CA LEU A 18 14.34 33.00 -17.27
C LEU A 18 14.49 32.09 -16.07
N ASP A 19 14.78 32.68 -14.90
CA ASP A 19 14.93 31.88 -13.70
C ASP A 19 13.55 31.49 -13.20
N MSE A 20 12.63 32.44 -13.23
CA MSE A 20 11.27 32.18 -12.79
C MSE A 20 10.60 31.12 -13.67
O MSE A 20 9.77 30.35 -13.19
CB MSE A 20 10.45 33.47 -12.83
CG MSE A 20 10.89 34.54 -11.87
SE MSE A 20 9.60 35.97 -11.83
CE MSE A 20 10.43 37.17 -13.09
N GLU A 21 10.95 31.11 -14.95
CA GLU A 21 10.38 30.13 -15.89
C GLU A 21 10.87 28.72 -15.56
N ARG A 22 12.17 28.59 -15.30
CA ARG A 22 12.76 27.29 -14.98
C ARG A 22 12.08 26.73 -13.73
N LYS A 23 11.74 27.62 -12.81
CA LYS A 23 11.08 27.24 -11.57
C LYS A 23 9.70 26.66 -11.89
N ILE A 24 8.85 27.48 -12.50
CA ILE A 24 7.51 27.04 -12.86
C ILE A 24 7.59 25.77 -13.68
N ASP A 25 8.69 25.62 -14.39
CA ASP A 25 8.91 24.43 -15.21
C ASP A 25 9.10 23.22 -14.30
N VAL A 26 9.96 23.36 -13.29
CA VAL A 26 10.21 22.28 -12.36
C VAL A 26 8.95 21.94 -11.59
N THR A 27 8.20 22.96 -11.18
CA THR A 27 6.97 22.80 -10.42
C THR A 27 6.05 21.78 -11.06
N ASN A 28 5.74 21.97 -12.33
CA ASN A 28 4.88 21.05 -13.04
C ASN A 28 5.47 19.64 -12.97
N LYS A 29 6.76 19.51 -13.29
CA LYS A 29 7.42 18.20 -13.24
C LYS A 29 7.23 17.60 -11.85
N VAL A 30 7.30 18.44 -10.83
CA VAL A 30 7.12 18.00 -9.45
C VAL A 30 5.67 17.59 -9.24
N VAL A 31 4.75 18.52 -9.55
CA VAL A 31 3.32 18.30 -9.39
C VAL A 31 2.84 17.03 -10.06
N ALA A 32 3.02 16.92 -11.37
CA ALA A 32 2.59 15.74 -12.11
C ALA A 32 3.16 14.46 -11.52
N GLU A 33 4.43 14.51 -11.13
CA GLU A 33 5.10 13.36 -10.54
C GLU A 33 4.45 12.96 -9.21
N ILE A 34 4.13 13.94 -8.39
CA ILE A 34 3.47 13.67 -7.11
C ILE A 34 2.09 13.06 -7.37
N LEU A 35 1.45 13.48 -8.45
CA LEU A 35 0.13 12.95 -8.76
C LEU A 35 0.17 11.46 -9.08
N SER A 36 1.16 11.03 -9.86
CA SER A 36 1.27 9.62 -10.20
C SER A 36 1.81 8.79 -9.04
N LYS A 37 2.89 9.26 -8.42
CA LYS A 37 3.48 8.55 -7.28
C LYS A 37 2.52 8.42 -6.12
N THR A 38 1.74 9.46 -5.87
CA THR A 38 0.76 9.46 -4.80
C THR A 38 -0.26 8.38 -5.14
N THR A 39 -0.79 8.45 -6.36
CA THR A 39 -1.79 7.49 -6.82
C THR A 39 -1.27 6.05 -6.75
N GLU A 40 -0.07 5.80 -7.25
CA GLU A 40 0.50 4.45 -7.20
C GLU A 40 0.69 4.02 -5.74
N TYR A 41 0.94 4.99 -4.88
CA TYR A 41 1.13 4.75 -3.45
C TYR A 41 -0.17 4.18 -2.94
N LEU A 42 -1.23 4.94 -3.11
CA LEU A 42 -2.55 4.52 -2.66
C LEU A 42 -2.91 3.17 -3.28
N GLN A 43 -2.76 3.05 -4.58
CA GLN A 43 -3.12 1.80 -5.25
C GLN A 43 -2.02 1.16 -6.07
N PRO A 44 -1.07 0.46 -5.41
CA PRO A 44 0.01 -0.18 -6.16
C PRO A 44 -0.53 -1.04 -7.30
N ASN A 45 -1.69 -1.65 -7.07
CA ASN A 45 -2.35 -2.50 -8.07
C ASN A 45 -3.05 -1.66 -9.14
N PRO A 46 -2.54 -1.69 -10.38
CA PRO A 46 -3.08 -0.93 -11.52
C PRO A 46 -4.58 -1.14 -11.75
N ALA A 47 -5.14 -2.20 -11.20
CA ALA A 47 -6.55 -2.49 -11.38
C ALA A 47 -7.46 -1.43 -10.80
N TYR A 48 -7.01 -0.77 -9.74
CA TYR A 48 -7.85 0.22 -9.06
C TYR A 48 -7.35 1.65 -9.09
N ARG A 49 -6.22 1.91 -9.73
CA ARG A 49 -5.72 3.27 -9.76
C ARG A 49 -6.80 4.17 -10.35
N ALA A 50 -7.41 3.72 -11.45
CA ALA A 50 -8.46 4.47 -12.12
C ALA A 50 -9.69 4.64 -11.23
N LYS A 51 -10.19 3.54 -10.69
CA LYS A 51 -11.35 3.59 -9.80
C LYS A 51 -11.07 4.49 -8.60
N LEU A 52 -9.86 5.03 -8.51
CA LEU A 52 -9.51 5.90 -7.40
C LEU A 52 -9.59 7.39 -7.73
N GLY A 53 -9.36 7.74 -8.99
CA GLY A 53 -9.43 9.14 -9.36
C GLY A 53 -10.86 9.62 -9.49
N MSE A 54 -11.81 8.71 -9.26
CA MSE A 54 -13.24 9.00 -9.35
C MSE A 54 -13.93 9.13 -8.00
O MSE A 54 -15.09 9.51 -7.92
CB MSE A 54 -13.92 7.89 -10.16
CG MSE A 54 -13.37 7.70 -11.58
SE MSE A 54 -14.00 6.10 -12.48
CE MSE A 54 -15.80 6.71 -12.91
N LEU A 55 -13.20 8.80 -6.94
CA LEU A 55 -13.73 8.86 -5.59
C LEU A 55 -14.34 10.22 -5.18
N ASN A 56 -15.57 10.21 -4.67
CA ASN A 56 -16.25 11.43 -4.22
C ASN A 56 -16.56 11.36 -2.75
N THR A 57 -16.68 12.52 -2.12
CA THR A 57 -17.01 12.59 -0.71
C THR A 57 -18.54 12.39 -0.63
N VAL A 58 -18.96 11.48 0.25
CA VAL A 58 -20.37 11.15 0.41
C VAL A 58 -21.10 11.97 1.46
N SER A 59 -22.39 12.19 1.26
CA SER A 59 -23.17 12.93 2.23
C SER A 59 -23.56 11.87 3.25
N LYS A 60 -23.66 12.25 4.52
CA LYS A 60 -23.99 11.26 5.56
C LYS A 60 -25.29 11.48 6.30
N ILE A 61 -26.36 11.81 5.59
CA ILE A 61 -27.66 12.05 6.24
C ILE A 61 -28.28 10.79 6.83
N ARG A 62 -28.03 9.65 6.22
CA ARG A 62 -28.59 8.40 6.72
C ARG A 62 -27.55 7.36 7.14
N GLY A 63 -26.31 7.81 7.35
CA GLY A 63 -25.25 6.89 7.76
C GLY A 63 -23.86 7.26 7.25
N GLN A 64 -22.82 6.70 7.89
CA GLN A 64 -21.45 6.95 7.49
C GLN A 64 -20.86 5.75 6.76
N VAL A 65 -21.20 5.65 5.48
CA VAL A 65 -20.71 4.57 4.64
C VAL A 65 -19.93 5.22 3.48
N LYS A 66 -18.62 5.05 3.52
CA LYS A 66 -17.79 5.60 2.48
C LYS A 66 -17.47 4.41 1.58
N THR A 67 -18.24 4.28 0.51
CA THR A 67 -18.02 3.20 -0.43
C THR A 67 -16.79 3.52 -1.26
N THR A 68 -16.16 2.48 -1.80
CA THR A 68 -14.94 2.65 -2.58
C THR A 68 -15.06 2.19 -4.03
N GLY A 69 -15.76 1.08 -4.23
CA GLY A 69 -15.90 0.56 -5.58
C GLY A 69 -14.80 -0.44 -5.92
N TYR A 70 -13.91 -0.68 -4.97
CA TYR A 70 -12.83 -1.62 -5.17
C TYR A 70 -12.36 -2.22 -3.84
N PRO A 71 -11.88 -3.47 -3.87
CA PRO A 71 -11.43 -4.04 -2.60
C PRO A 71 -10.08 -3.44 -2.22
N GLN A 72 -9.71 -3.63 -0.96
CA GLN A 72 -8.43 -3.18 -0.44
C GLN A 72 -7.82 -4.51 -0.06
N THR A 73 -6.49 -4.63 -0.14
CA THR A 73 -5.85 -5.90 0.20
C THR A 73 -6.30 -6.37 1.58
N GLU A 74 -6.29 -5.46 2.55
CA GLU A 74 -6.69 -5.79 3.92
C GLU A 74 -8.10 -6.40 3.94
N GLY A 75 -8.96 -5.89 3.08
CA GLY A 75 -10.31 -6.43 3.01
C GLY A 75 -10.29 -7.82 2.42
N LEU A 76 -9.51 -8.02 1.37
CA LEU A 76 -9.47 -9.33 0.76
C LEU A 76 -9.09 -10.30 1.84
N LEU A 77 -7.87 -10.15 2.38
CA LEU A 77 -7.35 -11.01 3.43
C LEU A 77 -8.38 -11.32 4.51
N GLY A 78 -9.02 -10.29 5.03
CA GLY A 78 -10.02 -10.50 6.07
C GLY A 78 -11.13 -11.43 5.63
N ASP A 79 -11.54 -11.33 4.36
CA ASP A 79 -12.59 -12.17 3.83
C ASP A 79 -12.23 -13.63 3.90
N CYS A 80 -11.02 -13.97 3.45
CA CYS A 80 -10.56 -15.35 3.46
C CYS A 80 -10.57 -15.92 4.88
N MSE A 81 -10.18 -15.12 5.86
CA MSE A 81 -10.15 -15.58 7.24
C MSE A 81 -11.57 -15.75 7.80
O MSE A 81 -11.84 -16.65 8.59
CB MSE A 81 -9.38 -14.59 8.11
CG MSE A 81 -7.96 -14.32 7.64
SE MSE A 81 -6.99 -13.27 8.93
CE MSE A 81 -5.22 -13.94 8.48
N LEU A 82 -12.49 -14.91 7.37
CA LEU A 82 -13.86 -15.03 7.83
C LEU A 82 -14.46 -16.28 7.21
N LYS A 83 -14.32 -16.41 5.90
CA LYS A 83 -14.87 -17.54 5.17
C LYS A 83 -14.44 -18.92 5.65
N TYR A 84 -13.13 -19.16 5.79
CA TYR A 84 -12.70 -20.47 6.24
C TYR A 84 -12.67 -20.62 7.76
N GLY A 85 -12.70 -19.49 8.47
CA GLY A 85 -12.68 -19.54 9.92
C GLY A 85 -13.94 -20.14 10.48
N LYS A 86 -15.07 -19.79 9.85
CA LYS A 86 -16.39 -20.28 10.21
C LYS A 86 -16.53 -21.69 9.72
N GLU A 87 -15.90 -21.97 8.58
CA GLU A 87 -15.94 -23.29 7.99
C GLU A 87 -15.24 -24.30 8.88
N LEU A 88 -14.15 -23.87 9.52
CA LEU A 88 -13.41 -24.74 10.41
C LEU A 88 -14.30 -25.39 11.48
N GLY A 89 -15.08 -24.57 12.20
CA GLY A 89 -15.95 -25.09 13.24
C GLY A 89 -16.06 -24.25 14.51
N GLU A 90 -17.27 -24.13 15.06
CA GLU A 90 -17.51 -23.35 16.29
C GLU A 90 -16.60 -23.79 17.43
N ASP A 91 -16.08 -25.01 17.32
CA ASP A 91 -15.19 -25.58 18.32
C ASP A 91 -13.71 -25.31 18.07
N SER A 92 -13.36 -25.00 16.82
CA SER A 92 -11.95 -24.74 16.45
C SER A 92 -11.39 -23.45 17.04
N THR A 93 -10.20 -23.53 17.59
CA THR A 93 -9.56 -22.36 18.17
C THR A 93 -9.00 -21.49 17.06
N PHE A 94 -8.37 -22.13 16.09
CA PHE A 94 -7.78 -21.42 14.96
C PHE A 94 -8.83 -20.71 14.10
N GLY A 95 -9.99 -21.33 13.94
CA GLY A 95 -11.03 -20.69 13.17
C GLY A 95 -11.62 -19.54 13.97
N ASN A 96 -11.75 -19.75 15.27
CA ASN A 96 -12.30 -18.72 16.15
C ASN A 96 -11.37 -17.51 16.15
N ALA A 97 -10.08 -17.75 16.14
CA ALA A 97 -9.11 -16.66 16.13
C ALA A 97 -9.17 -16.00 14.75
N LEU A 98 -9.24 -16.86 13.72
CA LEU A 98 -9.30 -16.44 12.33
C LEU A 98 -10.48 -15.52 12.08
N ILE A 99 -11.58 -15.76 12.78
CA ILE A 99 -12.76 -14.93 12.59
C ILE A 99 -12.52 -13.56 13.19
N GLU A 100 -12.02 -13.53 14.42
CA GLU A 100 -11.76 -12.25 15.07
C GLU A 100 -10.72 -11.44 14.31
N VAL A 101 -9.69 -12.10 13.82
CA VAL A 101 -8.65 -11.38 13.08
C VAL A 101 -9.17 -10.85 11.75
N GLY A 102 -10.06 -11.61 11.13
CA GLY A 102 -10.62 -11.21 9.86
C GLY A 102 -11.48 -9.98 10.01
N GLU A 103 -12.23 -9.95 11.09
CA GLU A 103 -13.10 -8.82 11.38
C GLU A 103 -12.26 -7.55 11.51
N SER A 104 -11.16 -7.63 12.24
CA SER A 104 -10.29 -6.46 12.42
C SER A 104 -9.84 -6.00 11.04
N MSE A 105 -9.44 -6.95 10.21
CA MSE A 105 -9.00 -6.66 8.86
C MSE A 105 -10.08 -5.86 8.12
O MSE A 105 -9.77 -5.07 7.23
CB MSE A 105 -8.72 -7.95 8.11
CG MSE A 105 -7.50 -8.71 8.60
SE MSE A 105 -5.89 -7.65 8.35
CE MSE A 105 -5.67 -6.97 10.15
N LYS A 106 -11.34 -6.08 8.48
CA LYS A 106 -12.40 -5.35 7.82
C LYS A 106 -12.33 -3.87 8.20
N LEU A 107 -11.90 -3.58 9.43
CA LEU A 107 -11.81 -2.18 9.84
C LEU A 107 -10.53 -1.59 9.24
N MSE A 108 -9.48 -2.40 9.18
CA MSE A 108 -8.20 -1.96 8.63
C MSE A 108 -8.45 -1.47 7.22
O MSE A 108 -7.85 -0.49 6.77
CB MSE A 108 -7.19 -3.13 8.57
CG MSE A 108 -6.60 -3.61 9.90
SE MSE A 108 -5.53 -2.31 10.87
CE MSE A 108 -4.00 -2.21 9.68
N ALA A 109 -9.33 -2.18 6.52
CA ALA A 109 -9.70 -1.87 5.15
C ALA A 109 -10.48 -0.56 5.11
N GLU A 110 -11.48 -0.47 5.98
CA GLU A 110 -12.32 0.72 6.08
C GLU A 110 -11.45 1.97 6.33
N VAL A 111 -10.38 1.79 7.09
CA VAL A 111 -9.46 2.88 7.39
C VAL A 111 -8.62 3.14 6.15
N LYS A 112 -8.33 2.09 5.39
CA LYS A 112 -7.56 2.25 4.15
C LYS A 112 -8.41 3.07 3.17
N ASP A 113 -9.70 2.75 3.10
CA ASP A 113 -10.59 3.45 2.20
C ASP A 113 -10.57 4.96 2.45
N SER A 114 -10.44 5.35 3.72
CA SER A 114 -10.40 6.76 4.10
C SER A 114 -9.10 7.46 3.72
N LEU A 115 -8.03 6.70 3.62
CA LEU A 115 -6.75 7.27 3.26
C LEU A 115 -6.83 7.62 1.78
N ASP A 116 -7.39 6.67 1.02
CA ASP A 116 -7.55 6.79 -0.43
C ASP A 116 -8.42 8.01 -0.75
N ILE A 117 -9.64 8.00 -0.21
CA ILE A 117 -10.61 9.08 -0.39
C ILE A 117 -10.03 10.45 -0.02
N ASN A 118 -9.63 10.58 1.25
CA ASN A 118 -9.08 11.82 1.81
C ASN A 118 -7.80 12.34 1.15
N VAL A 119 -6.97 11.44 0.63
CA VAL A 119 -5.75 11.90 -0.04
C VAL A 119 -6.16 12.33 -1.44
N LYS A 120 -7.15 11.63 -1.99
CA LYS A 120 -7.67 11.93 -3.30
C LYS A 120 -8.34 13.31 -3.25
N GLN A 121 -9.20 13.51 -2.26
CA GLN A 121 -9.95 14.76 -2.09
C GLN A 121 -9.15 15.99 -1.71
N THR A 122 -8.31 15.82 -0.69
CA THR A 122 -7.55 16.94 -0.16
C THR A 122 -6.10 17.11 -0.63
N PHE A 123 -5.63 16.27 -1.53
CA PHE A 123 -4.25 16.40 -1.98
C PHE A 123 -4.13 16.21 -3.48
N ILE A 124 -4.78 15.19 -4.00
CA ILE A 124 -4.71 14.93 -5.42
C ILE A 124 -5.59 15.87 -6.22
N ASP A 125 -6.86 16.02 -5.82
CA ASP A 125 -7.71 16.91 -6.60
C ASP A 125 -7.19 18.36 -6.56
N PRO A 126 -6.84 18.87 -5.36
CA PRO A 126 -6.32 20.24 -5.21
C PRO A 126 -5.06 20.48 -6.05
N LEU A 127 -4.22 19.45 -6.14
CA LEU A 127 -2.98 19.51 -6.87
C LEU A 127 -3.22 19.41 -8.37
N GLN A 128 -4.30 18.74 -8.76
CA GLN A 128 -4.64 18.62 -10.17
C GLN A 128 -5.19 19.98 -10.58
N LEU A 129 -5.88 20.62 -9.64
CA LEU A 129 -6.48 21.93 -9.85
C LEU A 129 -5.43 22.99 -10.07
N LEU A 130 -4.30 22.85 -9.36
CA LEU A 130 -3.19 23.79 -9.48
C LEU A 130 -2.69 23.70 -10.91
N GLN A 131 -2.90 22.56 -11.55
CA GLN A 131 -2.48 22.40 -12.93
C GLN A 131 -3.51 23.05 -13.85
N ASP A 132 -4.72 22.49 -13.85
CA ASP A 132 -5.81 22.98 -14.68
C ASP A 132 -6.11 24.46 -14.62
N LYS A 133 -5.41 25.19 -13.75
CA LYS A 133 -5.69 26.61 -13.63
C LYS A 133 -4.42 27.48 -13.53
N ASP A 134 -3.87 27.57 -12.33
CA ASP A 134 -2.68 28.39 -12.08
C ASP A 134 -1.48 28.19 -13.00
N LEU A 135 -1.10 26.95 -13.23
CA LEU A 135 0.04 26.64 -14.08
C LEU A 135 -0.33 26.80 -15.55
N LYS A 136 -1.60 26.53 -15.87
CA LYS A 136 -2.10 26.65 -17.22
C LYS A 136 -2.04 28.13 -17.63
N GLU A 137 -2.63 28.98 -16.79
CA GLU A 137 -2.65 30.43 -17.02
C GLU A 137 -1.25 30.97 -17.29
N ILE A 138 -0.26 30.42 -16.60
CA ILE A 138 1.12 30.82 -16.76
C ILE A 138 1.71 30.25 -18.05
N GLY A 139 1.41 28.99 -18.33
CA GLY A 139 1.93 28.39 -19.55
C GLY A 139 1.43 29.18 -20.73
N HIS A 140 0.24 29.74 -20.56
CA HIS A 140 -0.42 30.53 -21.61
C HIS A 140 0.19 31.90 -21.83
N HIS A 141 0.43 32.64 -20.76
CA HIS A 141 1.01 33.96 -20.91
C HIS A 141 2.36 33.87 -21.62
N LEU A 142 3.18 32.89 -21.21
CA LEU A 142 4.48 32.70 -21.81
C LEU A 142 4.37 32.37 -23.29
N LYS A 143 3.45 31.47 -23.63
CA LYS A 143 3.24 31.08 -25.03
C LYS A 143 2.85 32.34 -25.81
N LYS A 144 2.02 33.16 -25.19
CA LYS A 144 1.53 34.42 -25.76
C LYS A 144 2.70 35.39 -26.02
N LEU A 145 3.70 35.32 -25.14
CA LEU A 145 4.86 36.18 -25.22
C LEU A 145 5.84 35.73 -26.31
N GLU A 146 5.90 34.43 -26.58
CA GLU A 146 6.79 33.93 -27.63
C GLU A 146 6.35 34.55 -28.95
N GLY A 147 5.04 34.64 -29.14
CA GLY A 147 4.50 35.21 -30.36
C GLY A 147 4.90 36.67 -30.51
N ARG A 148 4.63 37.48 -29.49
CA ARG A 148 4.99 38.89 -29.53
C ARG A 148 6.47 38.99 -29.80
N ARG A 149 7.25 38.18 -29.08
CA ARG A 149 8.69 38.18 -29.21
C ARG A 149 9.15 37.72 -30.59
N LEU A 150 8.38 36.83 -31.22
CA LEU A 150 8.75 36.35 -32.55
C LEU A 150 8.31 37.39 -33.57
N ASP A 151 7.20 38.08 -33.27
CA ASP A 151 6.68 39.11 -34.15
C ASP A 151 7.55 40.34 -34.00
N TYR A 152 7.80 40.75 -32.76
CA TYR A 152 8.64 41.91 -32.50
C TYR A 152 9.90 41.82 -33.34
N ASP A 153 10.62 40.71 -33.19
CA ASP A 153 11.86 40.49 -33.92
C ASP A 153 11.68 40.50 -35.44
N TYR A 154 10.43 40.40 -35.89
CA TYR A 154 10.15 40.43 -37.32
C TYR A 154 10.17 41.88 -37.79
N LYS A 155 9.34 42.70 -37.16
CA LYS A 155 9.26 44.13 -37.50
C LYS A 155 10.62 44.77 -37.24
N LYS A 156 11.31 44.25 -36.23
CA LYS A 156 12.62 44.76 -35.86
C LYS A 156 13.59 44.54 -37.03
N LYS A 157 13.49 43.37 -37.67
CA LYS A 157 14.35 43.05 -38.82
C LYS A 157 13.91 43.85 -40.04
N ARG A 158 12.96 44.77 -39.86
CA ARG A 158 12.48 45.57 -40.98
C ARG A 158 12.30 47.05 -40.69
N VAL A 159 13.15 47.61 -39.83
CA VAL A 159 13.06 49.04 -39.51
C VAL A 159 13.45 49.82 -40.76
N GLY A 160 12.71 50.89 -41.04
CA GLY A 160 12.98 51.69 -42.22
C GLY A 160 12.23 51.17 -43.43
N LYS A 161 11.63 49.99 -43.29
CA LYS A 161 10.87 49.38 -44.38
C LYS A 161 9.38 49.30 -44.03
N ILE A 162 9.01 49.92 -42.92
CA ILE A 162 7.63 49.90 -42.46
C ILE A 162 7.35 51.13 -41.60
N PRO A 163 6.07 51.36 -41.25
CA PRO A 163 5.68 52.49 -40.42
C PRO A 163 6.43 52.56 -39.09
N ASP A 164 6.21 53.67 -38.37
CA ASP A 164 6.84 53.91 -37.08
C ASP A 164 6.09 53.13 -35.99
N GLU A 165 4.77 53.04 -36.16
CA GLU A 165 3.92 52.33 -35.21
C GLU A 165 4.01 50.83 -35.47
N GLU A 166 4.66 50.46 -36.56
CA GLU A 166 4.81 49.06 -36.93
C GLU A 166 5.71 48.36 -35.89
N VAL A 167 6.77 49.04 -35.48
CA VAL A 167 7.72 48.49 -34.50
C VAL A 167 7.42 48.96 -33.08
N ARG A 168 6.90 50.19 -32.94
CA ARG A 168 6.57 50.72 -31.63
C ARG A 168 5.55 49.83 -30.91
N GLN A 169 4.56 49.34 -31.67
CA GLN A 169 3.53 48.47 -31.11
C GLN A 169 4.13 47.12 -30.79
N ALA A 170 4.97 46.63 -31.70
CA ALA A 170 5.62 45.34 -31.53
C ALA A 170 6.37 45.23 -30.20
N VAL A 171 6.78 46.36 -29.64
CA VAL A 171 7.50 46.32 -28.36
C VAL A 171 6.51 46.34 -27.19
N GLU A 172 5.55 47.26 -27.24
CA GLU A 172 4.54 47.39 -26.19
C GLU A 172 3.89 46.05 -25.90
N LYS A 173 3.21 45.50 -26.89
CA LYS A 173 2.53 44.22 -26.73
C LYS A 173 3.53 43.15 -26.33
N PHE A 174 4.82 43.44 -26.53
CA PHE A 174 5.89 42.52 -26.18
C PHE A 174 6.30 42.71 -24.73
N GLU A 175 6.27 43.96 -24.27
CA GLU A 175 6.64 44.26 -22.89
C GLU A 175 5.39 44.12 -22.02
N GLU A 176 4.24 44.55 -22.53
CA GLU A 176 2.99 44.43 -21.80
C GLU A 176 2.69 42.95 -21.59
N SER A 177 3.40 42.12 -22.34
CA SER A 177 3.21 40.68 -22.24
C SER A 177 4.26 40.10 -21.30
N LYS A 178 5.54 40.44 -21.52
CA LYS A 178 6.62 39.95 -20.67
C LYS A 178 6.31 40.22 -19.19
N GLU A 179 5.67 41.36 -18.93
CA GLU A 179 5.30 41.75 -17.57
C GLU A 179 4.11 40.92 -17.09
N LEU A 180 3.27 40.49 -18.04
CA LEU A 180 2.12 39.68 -17.67
C LEU A 180 2.57 38.30 -17.23
N ALA A 181 3.49 37.72 -18.01
CA ALA A 181 4.02 36.40 -17.72
C ALA A 181 4.92 36.45 -16.49
N GLU A 182 5.56 37.61 -16.30
CA GLU A 182 6.46 37.84 -15.19
C GLU A 182 5.72 37.98 -13.86
N ARG A 183 4.75 38.89 -13.83
CA ARG A 183 3.97 39.14 -12.63
C ARG A 183 3.20 37.89 -12.25
N SER A 184 2.81 37.12 -13.25
CA SER A 184 2.06 35.89 -13.04
C SER A 184 2.93 34.77 -12.47
N MSE A 185 4.18 34.71 -12.89
CA MSE A 185 5.07 33.68 -12.39
C MSE A 185 5.45 34.05 -10.96
O MSE A 185 5.53 33.18 -10.09
CB MSE A 185 6.33 33.56 -13.25
CG MSE A 185 6.07 33.10 -14.69
SE MSE A 185 7.67 32.52 -15.62
CE MSE A 185 8.45 34.26 -15.95
N PHE A 186 5.67 35.34 -10.74
CA PHE A 186 6.06 35.87 -9.43
C PHE A 186 5.08 35.50 -8.32
N ASN A 187 3.81 35.85 -8.51
CA ASN A 187 2.79 35.57 -7.50
C ASN A 187 2.76 34.09 -7.11
N PHE A 188 2.70 33.21 -8.10
CA PHE A 188 2.66 31.77 -7.88
C PHE A 188 3.84 31.27 -7.06
N LEU A 189 5.04 31.76 -7.42
CA LEU A 189 6.26 31.37 -6.73
C LEU A 189 6.37 32.00 -5.34
N GLU A 190 5.55 33.00 -5.09
CA GLU A 190 5.56 33.69 -3.81
C GLU A 190 4.59 33.05 -2.82
N ASN A 191 3.62 32.31 -3.33
CA ASN A 191 2.66 31.67 -2.45
C ASN A 191 2.84 30.16 -2.38
N ASP A 192 4.02 29.70 -2.79
CA ASP A 192 4.30 28.26 -2.75
C ASP A 192 4.15 27.80 -1.31
N VAL A 193 4.14 28.77 -0.41
CA VAL A 193 3.94 28.50 1.01
C VAL A 193 2.67 27.63 1.03
N GLU A 194 1.70 28.03 0.23
CA GLU A 194 0.43 27.33 0.12
C GLU A 194 0.60 25.87 -0.32
N GLN A 195 1.68 25.57 -1.04
CA GLN A 195 1.91 24.20 -1.49
C GLN A 195 2.47 23.34 -0.37
N VAL A 196 3.40 23.89 0.41
CA VAL A 196 3.96 23.13 1.54
C VAL A 196 2.73 22.84 2.40
N SER A 197 1.78 23.74 2.34
CA SER A 197 0.53 23.61 3.08
C SER A 197 -0.28 22.45 2.53
N GLN A 198 -0.20 22.23 1.21
CA GLN A 198 -0.94 21.15 0.60
C GLN A 198 -0.29 19.83 0.95
N LEU A 199 1.03 19.84 1.12
CA LEU A 199 1.75 18.63 1.51
C LEU A 199 1.39 18.28 2.96
N ALA A 200 1.08 19.31 3.72
CA ALA A 200 0.73 19.16 5.12
C ALA A 200 -0.64 18.50 5.26
N VAL A 201 -1.51 18.74 4.30
CA VAL A 201 -2.84 18.15 4.31
C VAL A 201 -2.65 16.66 4.00
N PHE A 202 -1.65 16.36 3.18
CA PHE A 202 -1.35 15.00 2.77
C PHE A 202 -0.76 14.16 3.91
N ILE A 203 0.25 14.70 4.57
CA ILE A 203 0.90 13.99 5.67
C ILE A 203 -0.09 13.75 6.79
N GLU A 204 -0.95 14.73 7.02
CA GLU A 204 -1.99 14.66 8.03
C GLU A 204 -2.86 13.44 7.70
N ALA A 205 -3.12 13.24 6.42
CA ALA A 205 -3.92 12.11 5.99
C ALA A 205 -3.24 10.78 6.28
N ALA A 206 -1.99 10.62 5.83
CA ALA A 206 -1.27 9.38 6.07
C ALA A 206 -1.11 9.21 7.57
N LEU A 207 -0.83 10.30 8.27
CA LEU A 207 -0.66 10.28 9.72
C LEU A 207 -1.92 9.69 10.38
N ASP A 208 -3.07 10.29 10.12
CA ASP A 208 -4.33 9.82 10.70
C ASP A 208 -4.55 8.33 10.45
N TYR A 209 -4.41 7.94 9.20
CA TYR A 209 -4.57 6.57 8.77
C TYR A 209 -3.71 5.54 9.51
N HIS A 210 -2.47 5.91 9.85
CA HIS A 210 -1.61 4.99 10.57
C HIS A 210 -2.02 4.78 12.03
N ARG A 211 -2.39 5.88 12.69
CA ARG A 211 -2.82 5.84 14.09
C ARG A 211 -4.11 5.04 14.29
N GLN A 212 -5.11 5.29 13.46
CA GLN A 212 -6.35 4.54 13.60
C GLN A 212 -6.08 3.07 13.30
N SER A 213 -5.04 2.81 12.51
CA SER A 213 -4.63 1.44 12.17
C SER A 213 -3.94 0.82 13.38
N THR A 214 -3.06 1.60 14.02
CA THR A 214 -2.35 1.14 15.22
C THR A 214 -3.39 0.83 16.31
N GLU A 215 -4.41 1.68 16.38
CA GLU A 215 -5.49 1.55 17.34
C GLU A 215 -6.20 0.21 17.13
N ILE A 216 -6.53 -0.14 15.88
CA ILE A 216 -7.19 -1.42 15.60
C ILE A 216 -6.29 -2.61 15.92
N LEU A 217 -5.11 -2.64 15.34
CA LEU A 217 -4.17 -3.73 15.58
C LEU A 217 -4.02 -4.08 17.07
N GLN A 218 -3.81 -3.05 17.90
CA GLN A 218 -3.66 -3.27 19.33
C GLN A 218 -4.86 -3.95 19.97
N GLU A 219 -6.03 -3.38 19.75
CA GLU A 219 -7.25 -3.93 20.32
C GLU A 219 -7.26 -5.43 20.09
N LEU A 220 -6.97 -5.80 18.85
CA LEU A 220 -6.93 -7.19 18.43
C LEU A 220 -5.82 -7.98 19.13
N GLN A 221 -4.63 -7.41 19.18
CA GLN A 221 -3.51 -8.10 19.82
C GLN A 221 -3.84 -8.42 21.28
N SER A 222 -4.61 -7.57 21.93
CA SER A 222 -4.99 -7.82 23.31
C SER A 222 -5.86 -9.06 23.35
N LYS A 223 -6.89 -9.07 22.50
CA LYS A 223 -7.81 -10.19 22.42
C LYS A 223 -7.10 -11.49 22.02
N LEU A 224 -6.11 -11.41 21.13
CA LEU A 224 -5.38 -12.60 20.70
C LEU A 224 -4.62 -13.27 21.82
N GLN A 225 -3.95 -12.47 22.66
CA GLN A 225 -3.20 -13.00 23.79
C GLN A 225 -4.13 -13.84 24.64
N MSE A 226 -5.21 -13.21 25.09
CA MSE A 226 -6.18 -13.91 25.90
C MSE A 226 -6.52 -15.23 25.24
O MSE A 226 -6.40 -16.29 25.84
CB MSE A 226 -7.45 -13.09 26.06
CG MSE A 226 -7.33 -11.94 27.07
SE MSE A 226 -9.05 -11.07 27.33
CE MSE A 226 -9.00 -9.98 25.74
N ARG A 227 -6.92 -15.14 23.97
CA ARG A 227 -7.28 -16.32 23.20
C ARG A 227 -6.20 -17.42 23.32
N ILE A 228 -4.96 -17.06 23.02
CA ILE A 228 -3.80 -17.97 23.11
C ILE A 228 -3.57 -18.48 24.53
N SER A 229 -3.79 -17.60 25.50
CA SER A 229 -3.62 -17.94 26.89
C SER A 229 -4.66 -18.99 27.30
N ALA A 230 -5.94 -18.66 27.11
CA ALA A 230 -7.05 -19.55 27.44
C ALA A 230 -6.98 -20.89 26.72
N ALA A 231 -6.26 -20.94 25.59
CA ALA A 231 -6.15 -22.17 24.83
C ALA A 231 -4.98 -23.03 25.26
N SER A 232 -4.16 -22.50 26.17
CA SER A 232 -3.00 -23.22 26.67
C SER A 232 -3.18 -23.59 28.13
N SER A 233 -3.85 -22.73 28.88
CA SER A 233 -4.11 -22.97 30.30
C SER A 233 -5.27 -23.96 30.37
N VAL A 234 -5.31 -24.88 29.40
CA VAL A 234 -6.35 -25.89 29.34
C VAL A 234 -5.81 -27.33 29.19
N PRO A 235 -6.35 -28.24 30.04
CA PRO A 235 -6.14 -29.68 30.25
C PRO A 235 -5.46 -30.62 29.23
N ARG A 236 -5.27 -30.19 27.99
CA ARG A 236 -4.60 -31.04 27.01
C ARG A 236 -4.69 -30.44 25.62
N ASP B 14 -15.83 -43.72 11.63
CA ASP B 14 -15.49 -43.36 10.23
C ASP B 14 -16.14 -42.02 9.87
N ASP B 15 -16.95 -41.50 10.78
CA ASP B 15 -17.61 -40.21 10.56
C ASP B 15 -16.68 -39.09 11.01
N GLU B 16 -16.18 -39.19 12.24
CA GLU B 16 -15.25 -38.19 12.77
C GLU B 16 -14.23 -37.97 11.68
N PHE B 17 -13.69 -39.09 11.20
CA PHE B 17 -12.70 -39.08 10.12
C PHE B 17 -13.08 -38.03 9.09
N LEU B 18 -14.08 -38.35 8.28
CA LEU B 18 -14.54 -37.44 7.25
C LEU B 18 -14.63 -36.00 7.74
N ASP B 19 -14.92 -35.82 9.04
CA ASP B 19 -15.05 -34.48 9.60
C ASP B 19 -13.71 -33.83 9.95
N MSE B 20 -12.78 -34.63 10.44
CA MSE B 20 -11.46 -34.12 10.78
C MSE B 20 -10.73 -33.81 9.49
O MSE B 20 -9.89 -32.92 9.43
CB MSE B 20 -10.65 -35.14 11.59
CG MSE B 20 -11.18 -35.41 12.99
SE MSE B 20 -9.78 -36.20 14.07
CE MSE B 20 -9.89 -38.03 13.43
N GLU B 21 -11.08 -34.57 8.45
CA GLU B 21 -10.46 -34.39 7.15
C GLU B 21 -10.91 -33.07 6.56
N ARG B 22 -12.21 -32.87 6.40
CA ARG B 22 -12.71 -31.63 5.83
C ARG B 22 -12.10 -30.44 6.55
N LYS B 23 -11.75 -30.62 7.81
CA LYS B 23 -11.16 -29.55 8.60
C LYS B 23 -9.71 -29.29 8.21
N ILE B 24 -8.94 -30.36 7.98
CA ILE B 24 -7.56 -30.13 7.59
C ILE B 24 -7.68 -29.59 6.16
N ASP B 25 -8.72 -30.02 5.46
CA ASP B 25 -8.96 -29.55 4.11
C ASP B 25 -9.17 -28.05 4.13
N VAL B 26 -9.91 -27.56 5.11
CA VAL B 26 -10.17 -26.13 5.25
C VAL B 26 -8.91 -25.44 5.67
N THR B 27 -8.19 -26.12 6.55
CA THR B 27 -6.92 -25.64 7.07
C THR B 27 -5.98 -25.36 5.88
N ASN B 28 -5.95 -26.27 4.93
CA ASN B 28 -5.10 -26.08 3.77
C ASN B 28 -5.51 -24.84 2.96
N LYS B 29 -6.80 -24.74 2.66
CA LYS B 29 -7.30 -23.61 1.89
C LYS B 29 -6.94 -22.25 2.51
N VAL B 30 -6.98 -22.16 3.83
CA VAL B 30 -6.66 -20.90 4.47
C VAL B 30 -5.20 -20.53 4.37
N VAL B 31 -4.32 -21.48 4.69
CA VAL B 31 -2.89 -21.26 4.64
C VAL B 31 -2.48 -20.69 3.28
N ALA B 32 -2.91 -21.36 2.20
CA ALA B 32 -2.59 -20.89 0.87
C ALA B 32 -3.12 -19.47 0.71
N GLU B 33 -4.42 -19.33 0.97
CA GLU B 33 -5.11 -18.05 0.87
C GLU B 33 -4.47 -16.95 1.69
N ILE B 34 -4.24 -17.21 2.96
CA ILE B 34 -3.63 -16.21 3.82
C ILE B 34 -2.28 -15.83 3.25
N LEU B 35 -1.59 -16.82 2.72
CA LEU B 35 -0.28 -16.59 2.14
C LEU B 35 -0.30 -15.64 0.96
N SER B 36 -1.12 -15.94 -0.04
CA SER B 36 -1.23 -15.10 -1.21
C SER B 36 -1.80 -13.74 -0.80
N LYS B 37 -2.96 -13.74 -0.13
CA LYS B 37 -3.55 -12.48 0.30
C LYS B 37 -2.58 -11.62 1.08
N THR B 38 -1.76 -12.24 1.93
CA THR B 38 -0.77 -11.48 2.69
C THR B 38 0.31 -10.98 1.73
N THR B 39 0.96 -11.90 1.02
CA THR B 39 2.00 -11.57 0.06
C THR B 39 1.54 -10.44 -0.85
N GLU B 40 0.25 -10.44 -1.15
CA GLU B 40 -0.31 -9.39 -2.01
C GLU B 40 -0.39 -8.11 -1.18
N TYR B 41 -0.85 -8.23 0.07
CA TYR B 41 -0.94 -7.07 0.96
C TYR B 41 0.38 -6.31 0.99
N LEU B 42 1.48 -7.02 0.81
CA LEU B 42 2.78 -6.38 0.85
C LEU B 42 3.09 -5.71 -0.49
N GLN B 43 2.90 -6.43 -1.58
CA GLN B 43 3.14 -5.89 -2.91
C GLN B 43 1.89 -6.06 -3.77
N PRO B 44 0.96 -5.11 -3.70
CA PRO B 44 -0.27 -5.23 -4.50
C PRO B 44 -0.01 -5.26 -5.99
N ASN B 45 1.08 -4.65 -6.43
CA ASN B 45 1.40 -4.60 -7.86
C ASN B 45 2.13 -5.85 -8.34
N PRO B 46 1.57 -6.54 -9.34
CA PRO B 46 2.20 -7.75 -9.87
C PRO B 46 3.62 -7.49 -10.37
N ALA B 47 3.80 -6.33 -11.00
CA ALA B 47 5.10 -5.96 -11.55
C ALA B 47 6.22 -5.91 -10.53
N TYR B 48 5.89 -5.58 -9.30
CA TYR B 48 6.90 -5.48 -8.26
C TYR B 48 6.74 -6.52 -7.16
N ARG B 49 6.13 -7.65 -7.51
CA ARG B 49 5.94 -8.73 -6.55
C ARG B 49 6.72 -9.92 -7.08
N ALA B 50 7.69 -10.39 -6.30
CA ALA B 50 8.52 -11.50 -6.72
C ALA B 50 7.72 -12.67 -7.29
N LYS B 51 8.39 -13.46 -8.11
CA LYS B 51 7.80 -14.64 -8.71
C LYS B 51 7.31 -15.48 -7.54
N LEU B 52 6.25 -16.25 -7.75
CA LEU B 52 5.72 -17.10 -6.69
C LEU B 52 6.80 -18.12 -6.32
N GLY B 53 7.61 -18.51 -7.30
CA GLY B 53 8.66 -19.48 -7.06
C GLY B 53 9.64 -18.95 -6.06
N MSE B 54 9.92 -17.66 -6.16
CA MSE B 54 10.85 -16.97 -5.26
C MSE B 54 10.19 -16.73 -3.90
O MSE B 54 10.85 -16.78 -2.86
CB MSE B 54 11.26 -15.64 -5.88
CG MSE B 54 12.45 -14.97 -5.21
SE MSE B 54 14.12 -15.74 -5.79
CE MSE B 54 14.44 -16.94 -4.30
N LEU B 55 8.89 -16.45 -3.93
CA LEU B 55 8.10 -16.20 -2.71
C LEU B 55 7.70 -17.52 -2.05
N ASN B 56 7.98 -18.63 -2.74
CA ASN B 56 7.67 -19.96 -2.24
C ASN B 56 8.88 -20.59 -1.53
N THR B 57 10.00 -19.87 -1.52
CA THR B 57 11.19 -20.35 -0.85
C THR B 57 11.21 -19.67 0.52
N VAL B 58 11.68 -20.39 1.53
CA VAL B 58 11.78 -19.87 2.89
C VAL B 58 13.23 -19.42 3.11
N SER B 59 13.56 -18.21 2.67
CA SER B 59 14.92 -17.70 2.80
C SER B 59 15.22 -16.95 4.09
N LYS B 60 15.92 -17.62 5.00
CA LYS B 60 16.30 -17.08 6.29
C LYS B 60 17.30 -15.90 6.18
N ILE B 61 17.63 -15.53 4.95
CA ILE B 61 18.53 -14.41 4.70
C ILE B 61 17.96 -13.47 3.63
N ARG B 62 16.68 -13.66 3.34
CA ARG B 62 15.95 -12.83 2.38
C ARG B 62 14.45 -12.78 2.73
N GLY B 63 14.00 -11.61 3.17
CA GLY B 63 12.61 -11.42 3.52
C GLY B 63 11.95 -10.70 2.36
N GLN B 64 12.78 -10.38 1.38
CA GLN B 64 12.33 -9.70 0.17
C GLN B 64 11.07 -10.36 -0.36
N VAL B 65 10.06 -9.55 -0.68
CA VAL B 65 8.81 -10.04 -1.23
C VAL B 65 8.65 -9.32 -2.57
N LYS B 66 9.48 -8.30 -2.75
CA LYS B 66 9.52 -7.45 -3.93
C LYS B 66 10.59 -7.89 -4.91
N THR B 67 10.61 -7.24 -6.08
CA THR B 67 11.60 -7.55 -7.08
C THR B 67 12.90 -6.76 -6.83
N THR B 68 14.01 -7.42 -7.16
CA THR B 68 15.35 -6.85 -7.00
C THR B 68 15.41 -5.38 -7.38
N GLY B 69 15.81 -4.56 -6.41
CA GLY B 69 15.95 -3.13 -6.66
C GLY B 69 14.75 -2.22 -6.45
N TYR B 70 13.53 -2.76 -6.43
CA TYR B 70 12.33 -1.93 -6.25
C TYR B 70 12.44 -1.07 -4.98
N PRO B 71 12.55 0.26 -5.15
CA PRO B 71 12.66 1.26 -4.08
C PRO B 71 11.44 1.39 -3.19
N GLN B 72 10.42 0.58 -3.45
CA GLN B 72 9.18 0.64 -2.67
C GLN B 72 8.47 1.93 -3.06
N THR B 73 7.14 1.92 -3.14
CA THR B 73 6.41 3.14 -3.55
C THR B 73 6.89 4.39 -2.85
N GLU B 74 6.96 4.30 -1.53
CA GLU B 74 7.38 5.42 -0.70
C GLU B 74 8.73 5.96 -1.11
N GLY B 75 9.59 5.07 -1.59
CA GLY B 75 10.91 5.47 -2.03
C GLY B 75 10.83 6.23 -3.33
N LEU B 76 9.96 5.77 -4.23
CA LEU B 76 9.81 6.44 -5.50
C LEU B 76 9.19 7.80 -5.29
N LEU B 77 8.24 7.90 -4.36
CA LEU B 77 7.61 9.19 -4.06
C LEU B 77 8.64 10.08 -3.36
N GLY B 78 9.62 9.45 -2.71
CA GLY B 78 10.64 10.19 -2.02
C GLY B 78 11.72 10.72 -2.95
N ASP B 79 12.17 9.88 -3.89
CA ASP B 79 13.21 10.31 -4.79
C ASP B 79 12.83 11.54 -5.60
N CYS B 80 11.64 11.51 -6.18
CA CYS B 80 11.18 12.63 -7.00
C CYS B 80 11.04 13.94 -6.23
N MSE B 81 10.48 13.88 -5.03
CA MSE B 81 10.34 15.11 -4.25
C MSE B 81 11.71 15.70 -3.95
O MSE B 81 11.88 16.92 -3.92
CB MSE B 81 9.58 14.83 -2.95
CG MSE B 81 8.20 14.28 -3.17
SE MSE B 81 7.27 14.18 -1.51
CE MSE B 81 5.44 14.09 -2.12
N LEU B 82 12.69 14.83 -3.73
CA LEU B 82 14.05 15.28 -3.42
C LEU B 82 14.79 15.79 -4.64
N LYS B 83 14.65 15.09 -5.76
CA LYS B 83 15.33 15.50 -6.98
C LYS B 83 14.86 16.89 -7.37
N TYR B 84 13.58 16.97 -7.71
CA TYR B 84 12.96 18.22 -8.12
C TYR B 84 12.89 19.31 -7.06
N GLY B 85 12.92 18.92 -5.79
CA GLY B 85 12.88 19.91 -4.72
C GLY B 85 14.18 20.68 -4.70
N LYS B 86 15.26 19.97 -5.00
CA LYS B 86 16.57 20.57 -5.03
C LYS B 86 16.63 21.53 -6.22
N GLU B 87 16.19 21.06 -7.38
CA GLU B 87 16.21 21.90 -8.57
C GLU B 87 15.56 23.27 -8.32
N LEU B 88 14.42 23.27 -7.64
CA LEU B 88 13.73 24.53 -7.36
C LEU B 88 14.58 25.58 -6.64
N GLY B 89 15.72 25.16 -6.11
CA GLY B 89 16.58 26.10 -5.41
C GLY B 89 16.35 26.18 -3.92
N GLU B 90 17.30 26.75 -3.21
CA GLU B 90 17.19 26.87 -1.76
C GLU B 90 16.43 28.13 -1.34
N ASP B 91 15.94 28.86 -2.33
CA ASP B 91 15.20 30.10 -2.10
C ASP B 91 13.69 29.89 -2.14
N SER B 92 13.27 28.70 -2.54
CA SER B 92 11.85 28.40 -2.64
C SER B 92 11.39 27.56 -1.47
N THR B 93 10.40 28.09 -0.77
CA THR B 93 9.82 27.41 0.38
C THR B 93 9.34 26.00 0.00
N PHE B 94 8.68 25.86 -1.15
CA PHE B 94 8.17 24.56 -1.60
C PHE B 94 9.28 23.55 -1.87
N GLY B 95 10.34 24.00 -2.53
CA GLY B 95 11.47 23.11 -2.82
C GLY B 95 12.13 22.61 -1.55
N ASN B 96 12.26 23.47 -0.56
CA ASN B 96 12.88 23.07 0.71
C ASN B 96 11.95 22.14 1.50
N ALA B 97 10.65 22.40 1.42
CA ALA B 97 9.67 21.55 2.11
C ALA B 97 9.67 20.19 1.39
N LEU B 98 9.74 20.23 0.07
CA LEU B 98 9.78 19.00 -0.71
C LEU B 98 10.95 18.13 -0.27
N ILE B 99 12.13 18.73 -0.12
CA ILE B 99 13.32 18.00 0.29
C ILE B 99 13.11 17.33 1.65
N GLU B 100 12.39 18.01 2.53
CA GLU B 100 12.11 17.46 3.85
C GLU B 100 11.08 16.35 3.80
N VAL B 101 10.08 16.50 2.93
CA VAL B 101 9.05 15.49 2.84
C VAL B 101 9.56 14.23 2.16
N GLY B 102 10.46 14.42 1.20
CA GLY B 102 11.02 13.30 0.49
C GLY B 102 11.96 12.57 1.42
N GLU B 103 12.67 13.33 2.23
CA GLU B 103 13.58 12.77 3.20
C GLU B 103 12.76 11.81 4.05
N SER B 104 11.63 12.30 4.56
CA SER B 104 10.76 11.48 5.40
C SER B 104 10.30 10.25 4.65
N MSE B 105 9.82 10.44 3.41
CA MSE B 105 9.34 9.33 2.59
C MSE B 105 10.38 8.24 2.39
O MSE B 105 10.03 7.08 2.25
CB MSE B 105 8.89 9.81 1.21
CG MSE B 105 7.62 10.63 1.19
SE MSE B 105 6.24 9.86 2.28
CE MSE B 105 5.71 8.41 1.13
N LYS B 106 11.65 8.63 2.36
CA LYS B 106 12.72 7.66 2.17
C LYS B 106 12.82 6.76 3.41
N LEU B 107 12.64 7.36 4.59
CA LEU B 107 12.70 6.62 5.85
C LEU B 107 11.42 5.81 6.01
N MSE B 108 10.40 6.16 5.22
CA MSE B 108 9.12 5.47 5.26
C MSE B 108 9.22 4.25 4.38
O MSE B 108 8.37 3.37 4.42
CB MSE B 108 7.99 6.37 4.72
CG MSE B 108 7.57 7.54 5.59
SE MSE B 108 6.50 6.99 7.11
CE MSE B 108 4.86 6.43 6.21
N ALA B 109 10.28 4.21 3.57
CA ALA B 109 10.50 3.09 2.66
C ALA B 109 11.24 1.96 3.36
N GLU B 110 12.01 2.31 4.37
CA GLU B 110 12.75 1.28 5.09
C GLU B 110 11.82 0.63 6.07
N VAL B 111 10.96 1.43 6.70
CA VAL B 111 10.01 0.92 7.67
C VAL B 111 9.08 -0.03 6.93
N LYS B 112 8.92 0.18 5.63
CA LYS B 112 8.10 -0.72 4.84
C LYS B 112 8.92 -1.94 4.44
N ASP B 113 10.18 -1.73 4.09
CA ASP B 113 11.07 -2.84 3.72
C ASP B 113 11.05 -3.87 4.83
N SER B 114 11.00 -3.38 6.06
CA SER B 114 10.98 -4.21 7.25
C SER B 114 9.67 -4.95 7.37
N LEU B 115 8.58 -4.20 7.32
CA LEU B 115 7.27 -4.83 7.38
C LEU B 115 7.29 -6.02 6.45
N ASP B 116 7.74 -5.78 5.21
CA ASP B 116 7.82 -6.83 4.19
C ASP B 116 8.67 -7.97 4.73
N ILE B 117 9.90 -7.65 5.11
CA ILE B 117 10.83 -8.66 5.62
C ILE B 117 10.33 -9.39 6.85
N ASN B 118 9.94 -8.64 7.86
CA ASN B 118 9.45 -9.26 9.07
C ASN B 118 8.28 -10.19 8.83
N VAL B 119 7.43 -9.84 7.89
CA VAL B 119 6.27 -10.69 7.66
C VAL B 119 6.63 -11.91 6.83
N LYS B 120 7.65 -11.77 5.98
CA LYS B 120 8.08 -12.86 5.12
C LYS B 120 8.69 -14.00 5.90
N GLN B 121 9.69 -13.67 6.70
CA GLN B 121 10.43 -14.63 7.50
C GLN B 121 9.79 -14.99 8.84
N THR B 122 9.02 -14.06 9.40
CA THR B 122 8.40 -14.28 10.70
C THR B 122 6.95 -14.78 10.72
N PHE B 123 6.29 -14.76 9.57
CA PHE B 123 4.90 -15.19 9.51
C PHE B 123 4.59 -16.04 8.27
N ILE B 124 5.10 -15.65 7.12
CA ILE B 124 4.84 -16.41 5.90
C ILE B 124 5.65 -17.70 5.83
N ASP B 125 6.96 -17.61 5.99
CA ASP B 125 7.79 -18.80 5.93
C ASP B 125 7.33 -19.81 6.98
N PRO B 126 6.90 -19.32 8.16
CA PRO B 126 6.44 -20.23 9.22
C PRO B 126 5.21 -20.99 8.72
N LEU B 127 4.25 -20.28 8.17
CA LEU B 127 3.08 -20.95 7.64
C LEU B 127 3.46 -21.92 6.51
N GLN B 128 4.58 -21.65 5.85
CA GLN B 128 5.08 -22.51 4.77
C GLN B 128 5.68 -23.79 5.35
N LEU B 129 6.41 -23.68 6.46
CA LEU B 129 7.01 -24.85 7.06
C LEU B 129 5.90 -25.76 7.53
N LEU B 130 4.76 -25.15 7.81
CA LEU B 130 3.59 -25.86 8.28
C LEU B 130 3.03 -26.64 7.11
N GLN B 131 3.11 -26.02 5.94
CA GLN B 131 2.62 -26.65 4.71
C GLN B 131 3.50 -27.82 4.32
N ASP B 132 4.80 -27.59 4.34
CA ASP B 132 5.76 -28.59 3.94
C ASP B 132 6.05 -29.69 4.95
N LYS B 133 5.45 -29.62 6.13
CA LYS B 133 5.71 -30.65 7.13
C LYS B 133 4.50 -31.43 7.57
N ASP B 134 3.76 -30.89 8.54
CA ASP B 134 2.56 -31.57 9.04
C ASP B 134 1.52 -31.83 7.95
N LEU B 135 1.16 -30.79 7.22
CA LEU B 135 0.16 -30.93 6.17
C LEU B 135 0.63 -31.97 5.14
N LYS B 136 1.79 -31.76 4.52
CA LYS B 136 2.28 -32.73 3.56
C LYS B 136 2.27 -34.14 4.16
N GLU B 137 2.70 -34.26 5.42
CA GLU B 137 2.70 -35.56 6.09
C GLU B 137 1.28 -36.09 6.20
N ILE B 138 0.35 -35.23 6.62
CA ILE B 138 -1.03 -35.64 6.74
C ILE B 138 -1.51 -36.13 5.37
N GLY B 139 -1.08 -35.42 4.32
CA GLY B 139 -1.45 -35.79 2.96
C GLY B 139 -1.11 -37.23 2.63
N HIS B 140 0.15 -37.59 2.78
CA HIS B 140 0.59 -38.95 2.49
C HIS B 140 -0.14 -39.97 3.35
N HIS B 141 -0.47 -39.57 4.57
CA HIS B 141 -1.19 -40.48 5.45
C HIS B 141 -2.61 -40.68 4.93
N LEU B 142 -3.15 -39.64 4.28
CA LEU B 142 -4.48 -39.70 3.72
C LEU B 142 -4.48 -40.31 2.34
N LYS B 143 -3.46 -40.00 1.54
CA LYS B 143 -3.33 -40.49 0.18
C LYS B 143 -2.98 -41.97 0.13
N LYS B 144 -2.12 -42.39 1.06
CA LYS B 144 -1.70 -43.79 1.17
C LYS B 144 -2.96 -44.55 1.59
N LEU B 145 -3.64 -44.00 2.59
CA LEU B 145 -4.86 -44.58 3.15
C LEU B 145 -5.88 -44.83 2.08
N GLU B 146 -6.28 -43.76 1.40
CA GLU B 146 -7.27 -43.84 0.33
C GLU B 146 -6.89 -44.90 -0.67
N GLY B 147 -5.59 -44.97 -0.96
CA GLY B 147 -5.10 -45.97 -1.88
C GLY B 147 -5.23 -47.35 -1.27
N ARG B 148 -4.86 -47.45 0.00
CA ARG B 148 -4.93 -48.70 0.73
C ARG B 148 -6.39 -49.14 0.79
N ARG B 149 -7.27 -48.15 0.83
CA ARG B 149 -8.70 -48.38 0.89
C ARG B 149 -9.23 -48.98 -0.40
N LEU B 150 -8.68 -48.56 -1.53
CA LEU B 150 -9.12 -49.05 -2.82
C LEU B 150 -8.68 -50.49 -3.10
N ASP B 151 -7.37 -50.74 -2.99
CA ASP B 151 -6.84 -52.08 -3.26
C ASP B 151 -7.51 -53.12 -2.34
N TYR B 152 -8.16 -52.66 -1.28
CA TYR B 152 -8.83 -53.59 -0.38
C TYR B 152 -10.24 -53.91 -0.86
N ASP B 153 -11.00 -52.90 -1.28
CA ASP B 153 -12.35 -53.11 -1.79
C ASP B 153 -12.28 -54.14 -2.89
N TYR B 154 -11.59 -53.77 -3.96
CA TYR B 154 -11.41 -54.62 -5.13
C TYR B 154 -10.91 -56.02 -4.73
N LYS B 155 -9.94 -56.07 -3.82
CA LYS B 155 -9.38 -57.36 -3.40
C LYS B 155 -10.21 -58.17 -2.43
N LYS B 156 -10.87 -57.52 -1.47
CA LYS B 156 -11.66 -58.25 -0.47
C LYS B 156 -12.70 -59.18 -1.07
N LYS B 157 -12.74 -59.23 -2.38
CA LYS B 157 -13.67 -60.09 -3.09
C LYS B 157 -12.95 -61.29 -3.69
N ARG B 158 -12.10 -61.91 -2.86
CA ARG B 158 -11.33 -63.10 -3.17
C ARG B 158 -10.28 -63.04 -4.29
N VAL B 159 -9.05 -63.37 -3.93
CA VAL B 159 -7.90 -63.38 -4.84
C VAL B 159 -7.10 -64.68 -4.67
N GLY B 160 -5.95 -64.57 -4.03
CA GLY B 160 -5.11 -65.74 -3.82
C GLY B 160 -4.04 -65.48 -2.78
N GLU B 165 -2.46 -64.83 0.90
CA GLU B 165 -1.61 -63.89 1.63
C GLU B 165 -1.94 -62.46 1.24
N GLU B 166 -2.76 -62.30 0.21
CA GLU B 166 -3.12 -60.97 -0.27
C GLU B 166 -4.23 -60.31 0.54
N VAL B 167 -5.41 -60.90 0.54
CA VAL B 167 -6.53 -60.33 1.29
C VAL B 167 -6.06 -60.07 2.72
N ARG B 168 -5.10 -60.88 3.16
CA ARG B 168 -4.53 -60.79 4.49
C ARG B 168 -3.84 -59.43 4.75
N GLN B 169 -2.57 -59.34 4.36
CA GLN B 169 -1.79 -58.12 4.55
C GLN B 169 -2.36 -56.90 3.86
N ALA B 170 -3.58 -57.01 3.36
CA ALA B 170 -4.21 -55.88 2.70
C ALA B 170 -5.03 -55.10 3.73
N VAL B 171 -5.75 -55.83 4.57
CA VAL B 171 -6.59 -55.21 5.60
C VAL B 171 -5.70 -54.56 6.68
N GLU B 172 -4.71 -55.31 7.14
CA GLU B 172 -3.80 -54.82 8.16
C GLU B 172 -3.19 -53.51 7.67
N LYS B 173 -2.95 -53.43 6.36
CA LYS B 173 -2.39 -52.23 5.75
C LYS B 173 -3.44 -51.11 5.77
N PHE B 174 -4.69 -51.50 5.61
CA PHE B 174 -5.78 -50.54 5.63
C PHE B 174 -5.94 -49.90 7.00
N GLU B 175 -5.80 -50.69 8.06
CA GLU B 175 -5.93 -50.14 9.42
C GLU B 175 -4.74 -49.26 9.79
N GLU B 176 -3.53 -49.75 9.57
CA GLU B 176 -2.34 -48.96 9.88
C GLU B 176 -2.55 -47.56 9.35
N SER B 177 -2.73 -47.47 8.04
CA SER B 177 -2.94 -46.20 7.38
C SER B 177 -4.17 -45.45 7.88
N LYS B 178 -5.16 -46.18 8.39
CA LYS B 178 -6.37 -45.52 8.90
C LYS B 178 -6.09 -44.83 10.23
N GLU B 179 -5.51 -45.58 11.16
CA GLU B 179 -5.19 -45.00 12.45
C GLU B 179 -4.16 -43.91 12.25
N LEU B 180 -3.03 -44.28 11.66
CA LEU B 180 -1.93 -43.36 11.36
C LEU B 180 -2.48 -42.05 10.81
N ALA B 181 -3.60 -42.12 10.12
CA ALA B 181 -4.23 -40.94 9.53
C ALA B 181 -5.02 -40.18 10.58
N GLU B 182 -5.61 -40.91 11.52
CA GLU B 182 -6.36 -40.28 12.59
C GLU B 182 -5.41 -39.73 13.65
N ARG B 183 -4.28 -40.39 13.84
CA ARG B 183 -3.29 -39.94 14.81
C ARG B 183 -2.86 -38.51 14.48
N SER B 184 -1.94 -38.39 13.53
CA SER B 184 -1.40 -37.11 13.09
C SER B 184 -2.46 -36.04 12.81
N MSE B 185 -3.66 -36.48 12.46
CA MSE B 185 -4.75 -35.57 12.15
C MSE B 185 -5.43 -35.03 13.41
O MSE B 185 -5.78 -33.85 13.48
CB MSE B 185 -5.75 -36.28 11.24
CG MSE B 185 -6.81 -35.38 10.67
SE MSE B 185 -7.58 -36.19 9.09
CE MSE B 185 -8.38 -37.75 9.93
N PHE B 186 -5.62 -35.89 14.41
CA PHE B 186 -6.24 -35.49 15.67
C PHE B 186 -5.20 -34.70 16.46
N ASN B 187 -3.95 -35.13 16.34
CA ASN B 187 -2.83 -34.49 17.02
C ASN B 187 -2.46 -33.16 16.37
N PHE B 188 -3.25 -32.75 15.37
CA PHE B 188 -3.02 -31.48 14.69
C PHE B 188 -4.19 -30.57 15.03
N LEU B 189 -5.37 -31.16 15.09
CA LEU B 189 -6.59 -30.42 15.41
C LEU B 189 -6.63 -30.23 16.93
N GLU B 190 -5.52 -30.60 17.56
CA GLU B 190 -5.34 -30.49 19.01
C GLU B 190 -4.11 -29.61 19.14
N ASN B 191 -3.78 -28.96 18.04
CA ASN B 191 -2.63 -28.07 17.98
C ASN B 191 -3.09 -26.62 17.86
N ASP B 192 -4.06 -26.38 16.99
CA ASP B 192 -4.64 -25.05 16.78
C ASP B 192 -3.80 -23.89 17.30
N VAL B 193 -3.79 -23.74 18.62
CA VAL B 193 -3.05 -22.69 19.33
C VAL B 193 -1.69 -22.32 18.70
N GLU B 194 -1.05 -23.27 18.03
CA GLU B 194 0.22 -22.98 17.41
C GLU B 194 0.04 -22.01 16.26
N GLN B 195 -1.02 -22.25 15.49
CA GLN B 195 -1.34 -21.41 14.35
C GLN B 195 -1.83 -20.06 14.85
N VAL B 196 -2.51 -20.06 15.99
CA VAL B 196 -3.04 -18.81 16.57
C VAL B 196 -1.91 -17.92 17.05
N SER B 197 -0.83 -18.53 17.53
CA SER B 197 0.32 -17.79 18.00
C SER B 197 0.98 -17.14 16.78
N GLN B 198 0.86 -17.82 15.65
CA GLN B 198 1.44 -17.33 14.40
C GLN B 198 0.74 -16.03 14.03
N LEU B 199 -0.57 -16.06 13.96
CA LEU B 199 -1.35 -14.88 13.63
C LEU B 199 -0.82 -13.70 14.43
N ALA B 200 -0.74 -13.88 15.74
CA ALA B 200 -0.25 -12.88 16.67
C ALA B 200 1.09 -12.28 16.27
N VAL B 201 1.98 -13.13 15.78
CA VAL B 201 3.30 -12.70 15.33
C VAL B 201 3.14 -11.70 14.19
N PHE B 202 2.08 -11.88 13.40
CA PHE B 202 1.78 -11.02 12.28
C PHE B 202 1.30 -9.64 12.72
N ILE B 203 0.36 -9.63 13.67
CA ILE B 203 -0.20 -8.39 14.20
C ILE B 203 0.89 -7.55 14.87
N GLU B 204 1.83 -8.24 15.52
CA GLU B 204 2.93 -7.57 16.20
C GLU B 204 3.78 -6.89 15.15
N ALA B 205 4.18 -7.63 14.12
CA ALA B 205 4.99 -7.07 13.05
C ALA B 205 4.27 -5.89 12.41
N ALA B 206 2.98 -6.04 12.14
CA ALA B 206 2.21 -4.93 11.56
C ALA B 206 2.19 -3.74 12.52
N LEU B 207 2.24 -4.00 13.81
CA LEU B 207 2.23 -2.93 14.83
C LEU B 207 3.42 -1.96 14.83
N ASP B 208 4.63 -2.47 14.61
CA ASP B 208 5.79 -1.60 14.62
C ASP B 208 5.76 -0.72 13.40
N TYR B 209 5.40 -1.34 12.29
CA TYR B 209 5.29 -0.66 11.02
C TYR B 209 4.38 0.58 11.13
N HIS B 210 3.22 0.43 11.77
CA HIS B 210 2.28 1.53 11.93
C HIS B 210 2.76 2.56 12.96
N ARG B 211 3.25 2.07 14.11
CA ARG B 211 3.78 2.96 15.15
C ARG B 211 5.01 3.70 14.61
N GLN B 212 5.96 2.96 14.03
CA GLN B 212 7.15 3.61 13.50
C GLN B 212 6.84 4.59 12.37
N SER B 213 5.83 4.27 11.55
CA SER B 213 5.44 5.15 10.46
C SER B 213 4.76 6.40 11.04
N THR B 214 4.16 6.24 12.22
CA THR B 214 3.51 7.36 12.87
C THR B 214 4.59 8.34 13.31
N GLU B 215 5.59 7.82 14.04
CA GLU B 215 6.69 8.64 14.55
C GLU B 215 7.38 9.48 13.48
N ILE B 216 7.62 8.90 12.31
CA ILE B 216 8.28 9.60 11.22
C ILE B 216 7.40 10.71 10.65
N LEU B 217 6.12 10.37 10.45
CA LEU B 217 5.14 11.30 9.92
C LEU B 217 4.89 12.41 10.92
N GLN B 218 4.95 12.08 12.20
CA GLN B 218 4.72 13.11 13.19
C GLN B 218 5.88 14.07 13.17
N GLU B 219 7.08 13.54 13.02
CA GLU B 219 8.26 14.38 12.98
C GLU B 219 8.12 15.33 11.80
N LEU B 220 7.86 14.78 10.62
CA LEU B 220 7.69 15.57 9.40
C LEU B 220 6.59 16.60 9.59
N GLN B 221 5.46 16.18 10.14
CA GLN B 221 4.34 17.08 10.39
C GLN B 221 4.81 18.35 11.10
N SER B 222 5.60 18.18 12.15
CA SER B 222 6.11 19.33 12.90
C SER B 222 7.06 20.15 12.06
N LYS B 223 8.03 19.48 11.45
CA LYS B 223 9.02 20.15 10.61
C LYS B 223 8.36 20.99 9.53
N LEU B 224 7.14 20.60 9.16
CA LEU B 224 6.39 21.31 8.14
C LEU B 224 5.51 22.40 8.76
N GLN B 225 4.94 22.11 9.93
CA GLN B 225 4.10 23.11 10.58
C GLN B 225 4.94 24.37 10.87
N MSE B 226 6.20 24.16 11.23
CA MSE B 226 7.08 25.28 11.53
C MSE B 226 7.43 26.06 10.27
O MSE B 226 7.30 27.28 10.25
CB MSE B 226 8.37 24.80 12.21
CG MSE B 226 8.16 24.27 13.63
SE MSE B 226 9.77 23.72 14.54
CE MSE B 226 10.22 22.19 13.46
N ARG B 227 7.87 25.35 9.23
CA ARG B 227 8.24 26.03 7.99
C ARG B 227 7.13 26.99 7.56
N ILE B 228 5.89 26.52 7.62
CA ILE B 228 4.74 27.34 7.24
C ILE B 228 4.66 28.59 8.10
N SER B 229 4.74 28.40 9.41
CA SER B 229 4.67 29.49 10.38
C SER B 229 5.71 30.57 10.14
N ALA B 230 6.97 30.18 10.03
CA ALA B 230 8.03 31.14 9.80
C ALA B 230 7.70 31.91 8.52
N ALA B 231 7.48 31.18 7.44
CA ALA B 231 7.16 31.74 6.13
C ALA B 231 5.89 32.57 6.13
N SER B 232 4.95 32.22 7.00
CA SER B 232 3.68 32.92 7.10
C SER B 232 3.70 34.16 7.99
N SER B 233 4.73 34.28 8.83
CA SER B 233 4.82 35.42 9.74
C SER B 233 5.48 36.62 9.06
N VAL B 234 5.75 36.47 7.77
CA VAL B 234 6.35 37.52 6.97
C VAL B 234 5.35 37.86 5.88
N PRO B 235 5.13 39.16 5.61
CA PRO B 235 4.19 39.63 4.57
C PRO B 235 4.68 39.27 3.17
N ARG B 236 4.03 38.28 2.55
CA ARG B 236 4.42 37.83 1.22
C ARG B 236 4.34 38.97 0.21
N ARG B 237 5.42 39.14 -0.53
CA ARG B 237 5.52 40.21 -1.51
C ARG B 237 4.44 40.16 -2.59
N GLU B 238 3.79 41.31 -2.79
CA GLU B 238 2.73 41.45 -3.78
C GLU B 238 3.30 42.16 -5.02
#